data_5RYU
#
_entry.id   5RYU
#
_cell.length_a   38.445
_cell.length_b   77.283
_cell.length_c   99.439
_cell.angle_alpha   90.000
_cell.angle_beta   90.000
_cell.angle_gamma   90.000
#
_symmetry.space_group_name_H-M   'P 21 21 21'
#
loop_
_entity.id
_entity.type
_entity.pdbx_description
1 polymer 'Isoform 2 of Band 4.1-like protein 3'
2 non-polymer 2-fluoro-N-[(1H-pyrazol-3-yl)methyl]aniline
3 non-polymer 'DIMETHYL SULFOXIDE'
4 non-polymer 1,2-ETHANEDIOL
5 water water
#
_entity_poly.entity_id   1
_entity_poly.type   'polypeptide(L)'
_entity_poly.pdbx_seq_one_letter_code
;SMPKSMQCKVILLDGSEYTCDVEKRSRGQVLFDKVCEHLNLLEKDYFGLTYRDAENQKNWLDPAKEIKKQVRSGAWHFSF
NVKFYPPDPAQLSEDITRYYLCLQLRDDIVSGRLPCSFVTLALLGSYTVQSELGDYDPDECGSDYISEFRFAPNHTKELE
DKVIELHKSHRGMTPAEAEMHFLENAKKLSMYGVDLHHAKDSEGVEIMLGVCASGLLIYRDRLRINRFAWPKVLKISYKR
NNFYIKIRPGEFEQFESTIGFKLPNHRAAKRLWKVCVEHHTFFRLL
;
_entity_poly.pdbx_strand_id   A
#
# COMPACT_ATOMS: atom_id res chain seq x y z
N PRO A 3 -28.75 -6.62 21.78
CA PRO A 3 -27.74 -6.23 20.76
C PRO A 3 -26.52 -7.17 20.83
N LYS A 4 -26.39 -8.03 19.84
CA LYS A 4 -25.32 -9.06 19.80
C LYS A 4 -24.12 -8.46 19.08
N SER A 5 -22.94 -8.55 19.69
N SER A 5 -22.96 -8.50 19.74
CA SER A 5 -21.70 -7.93 19.16
CA SER A 5 -21.67 -7.97 19.22
C SER A 5 -20.66 -9.00 18.84
C SER A 5 -20.86 -9.12 18.62
N MET A 6 -19.88 -8.78 17.78
CA MET A 6 -18.87 -9.73 17.26
C MET A 6 -17.53 -9.15 17.64
N GLN A 7 -16.63 -9.98 18.11
CA GLN A 7 -15.25 -9.59 18.39
C GLN A 7 -14.47 -9.41 17.09
N CYS A 8 -13.78 -8.30 16.96
CA CYS A 8 -12.90 -8.02 15.80
C CYS A 8 -11.46 -7.97 16.27
N LYS A 9 -10.54 -8.57 15.50
CA LYS A 9 -9.08 -8.46 15.74
C LYS A 9 -8.43 -7.82 14.52
N VAL A 10 -7.66 -6.76 14.79
CA VAL A 10 -7.02 -5.96 13.71
C VAL A 10 -5.52 -5.96 13.96
N ILE A 11 -4.76 -6.40 12.96
CA ILE A 11 -3.29 -6.29 12.96
C ILE A 11 -2.98 -4.84 12.55
N LEU A 12 -2.32 -4.14 13.45
CA LEU A 12 -1.84 -2.77 13.23
C LEU A 12 -0.47 -2.79 12.56
N LEU A 13 -0.06 -1.64 12.05
CA LEU A 13 1.11 -1.55 11.16
C LEU A 13 2.41 -1.75 11.95
N ASP A 14 2.38 -1.61 13.28
CA ASP A 14 3.55 -1.97 14.15
C ASP A 14 3.57 -3.47 14.43
N GLY A 15 2.59 -4.21 13.90
CA GLY A 15 2.48 -5.66 14.06
C GLY A 15 1.72 -6.04 15.33
N SER A 16 1.25 -5.08 16.12
CA SER A 16 0.43 -5.41 17.31
C SER A 16 -1.02 -5.66 16.88
N GLU A 17 -1.80 -6.22 17.79
CA GLU A 17 -3.22 -6.65 17.59
C GLU A 17 -4.13 -5.75 18.41
N TYR A 18 -5.14 -5.16 17.79
CA TYR A 18 -6.19 -4.38 18.47
C TYR A 18 -7.46 -5.24 18.45
N THR A 19 -8.16 -5.32 19.57
CA THR A 19 -9.42 -6.09 19.70
C THR A 19 -10.51 -5.12 20.09
N CYS A 20 -11.65 -5.22 19.45
CA CYS A 20 -12.88 -4.51 19.86
C CYS A 20 -14.08 -5.34 19.45
N ASP A 21 -15.25 -4.85 19.82
CA ASP A 21 -16.53 -5.48 19.47
C ASP A 21 -17.31 -4.46 18.67
N VAL A 22 -18.08 -4.94 17.72
CA VAL A 22 -19.10 -4.15 16.99
C VAL A 22 -20.38 -4.98 16.95
N GLU A 23 -21.51 -4.32 16.86
CA GLU A 23 -22.81 -5.00 16.65
C GLU A 23 -22.66 -5.85 15.39
N LYS A 24 -23.20 -7.09 15.39
CA LYS A 24 -22.93 -8.08 14.31
C LYS A 24 -23.37 -7.60 12.93
N ARG A 25 -24.35 -6.67 12.81
CA ARG A 25 -24.79 -6.12 11.50
C ARG A 25 -24.04 -4.80 11.18
N SER A 26 -22.95 -4.51 11.86
CA SER A 26 -22.18 -3.26 11.66
C SER A 26 -21.60 -3.24 10.24
N ARG A 27 -21.55 -2.05 9.65
CA ARG A 27 -20.81 -1.75 8.41
C ARG A 27 -19.34 -1.56 8.71
N GLY A 28 -18.50 -1.70 7.69
CA GLY A 28 -17.05 -1.62 7.85
C GLY A 28 -16.66 -0.31 8.55
N GLN A 29 -17.35 0.79 8.22
CA GLN A 29 -16.92 2.12 8.70
C GLN A 29 -16.89 2.10 10.22
N VAL A 30 -17.83 1.37 10.84
CA VAL A 30 -17.98 1.37 12.32
C VAL A 30 -16.65 0.85 12.91
N LEU A 31 -16.18 -0.31 12.43
CA LEU A 31 -14.89 -0.87 12.90
C LEU A 31 -13.72 0.06 12.57
N PHE A 32 -13.67 0.57 11.37
CA PHE A 32 -12.58 1.45 10.91
C PHE A 32 -12.51 2.67 11.84
N ASP A 33 -13.67 3.22 12.19
CA ASP A 33 -13.70 4.45 13.05
C ASP A 33 -13.06 4.08 14.39
N LYS A 34 -13.41 2.92 14.98
CA LYS A 34 -12.80 2.50 16.27
C LYS A 34 -11.30 2.35 16.13
N VAL A 35 -10.82 1.73 15.04
CA VAL A 35 -9.37 1.53 14.86
C VAL A 35 -8.67 2.90 14.77
N CYS A 36 -9.22 3.81 13.98
CA CYS A 36 -8.62 5.13 13.76
C CYS A 36 -8.62 5.93 15.06
N GLU A 37 -9.69 5.87 15.86
CA GLU A 37 -9.71 6.54 17.18
C GLU A 37 -8.58 5.95 18.03
N HIS A 38 -8.45 4.64 18.08
CA HIS A 38 -7.33 3.98 18.79
C HIS A 38 -5.97 4.54 18.32
N LEU A 39 -5.80 4.76 17.02
CA LEU A 39 -4.48 5.15 16.46
C LEU A 39 -4.31 6.67 16.56
N ASN A 40 -5.29 7.43 17.06
CA ASN A 40 -5.27 8.92 17.08
C ASN A 40 -5.08 9.46 15.64
N LEU A 41 -5.76 8.84 14.69
CA LEU A 41 -5.59 9.16 13.26
C LEU A 41 -6.81 9.95 12.78
N LEU A 42 -6.54 11.16 12.30
CA LEU A 42 -7.59 12.08 11.78
C LEU A 42 -7.67 12.00 10.26
N GLU A 43 -6.52 11.85 9.60
CA GLU A 43 -6.43 11.90 8.13
C GLU A 43 -6.74 10.48 7.63
N LYS A 44 -7.95 10.04 7.89
CA LYS A 44 -8.35 8.61 7.75
C LYS A 44 -8.58 8.20 6.29
N ASP A 45 -8.78 9.15 5.38
CA ASP A 45 -9.20 8.88 3.98
C ASP A 45 -8.18 8.02 3.24
N TYR A 46 -6.90 8.06 3.63
CA TYR A 46 -5.81 7.36 2.92
C TYR A 46 -5.78 5.89 3.33
N PHE A 47 -6.52 5.50 4.36
CA PHE A 47 -6.36 4.17 5.01
C PHE A 47 -7.62 3.31 4.85
N GLY A 48 -7.51 2.05 5.21
CA GLY A 48 -8.62 1.12 5.17
C GLY A 48 -8.26 -0.13 5.95
N LEU A 49 -9.20 -1.06 5.99
CA LEU A 49 -8.97 -2.39 6.56
C LEU A 49 -9.03 -3.44 5.46
N THR A 50 -8.17 -4.44 5.59
CA THR A 50 -8.21 -5.58 4.68
C THR A 50 -8.60 -6.81 5.48
N TYR A 51 -9.09 -7.84 4.82
CA TYR A 51 -9.20 -9.18 5.42
C TYR A 51 -8.64 -10.17 4.40
N ARG A 52 -8.45 -11.42 4.84
CA ARG A 52 -7.97 -12.55 4.00
C ARG A 52 -9.15 -13.51 3.80
N ASP A 53 -9.45 -13.87 2.55
CA ASP A 53 -10.49 -14.89 2.20
C ASP A 53 -9.87 -16.28 2.29
N ALA A 54 -10.66 -17.31 1.93
CA ALA A 54 -10.25 -18.73 2.00
C ALA A 54 -8.97 -18.95 1.19
N GLU A 55 -8.78 -18.18 0.12
CA GLU A 55 -7.57 -18.24 -0.77
C GLU A 55 -6.40 -17.52 -0.09
N ASN A 56 -6.68 -16.88 1.06
CA ASN A 56 -5.75 -15.97 1.78
C ASN A 56 -5.34 -14.83 0.82
N GLN A 57 -6.24 -14.42 -0.07
CA GLN A 57 -6.04 -13.20 -0.89
C GLN A 57 -6.53 -12.00 -0.08
N LYS A 58 -5.87 -10.85 -0.22
CA LYS A 58 -6.23 -9.61 0.51
C LYS A 58 -7.42 -8.96 -0.20
N ASN A 59 -8.40 -8.50 0.57
CA ASN A 59 -9.62 -7.79 0.11
C ASN A 59 -9.83 -6.54 0.95
N TRP A 60 -10.18 -5.40 0.33
CA TRP A 60 -10.51 -4.20 1.11
C TRP A 60 -11.88 -4.41 1.74
N LEU A 61 -12.01 -4.12 3.00
CA LEU A 61 -13.31 -4.11 3.69
C LEU A 61 -14.05 -2.84 3.26
N ASP A 62 -15.17 -3.00 2.55
CA ASP A 62 -15.94 -1.82 2.09
C ASP A 62 -16.62 -1.19 3.30
N PRO A 63 -16.30 0.09 3.61
CA PRO A 63 -16.82 0.72 4.80
C PRO A 63 -18.34 0.85 4.76
N ALA A 64 -18.91 0.89 3.56
CA ALA A 64 -20.35 1.12 3.32
C ALA A 64 -21.19 -0.13 3.50
N LYS A 65 -20.56 -1.31 3.52
CA LYS A 65 -21.29 -2.61 3.51
C LYS A 65 -21.14 -3.33 4.83
N GLU A 66 -22.10 -4.19 5.18
CA GLU A 66 -22.02 -4.98 6.42
C GLU A 66 -20.72 -5.81 6.39
N ILE A 67 -20.04 -5.83 7.52
CA ILE A 67 -18.82 -6.66 7.71
C ILE A 67 -19.19 -8.11 7.42
N LYS A 68 -20.34 -8.55 7.94
CA LYS A 68 -20.72 -9.99 7.84
C LYS A 68 -20.91 -10.40 6.37
N LYS A 69 -21.35 -9.52 5.49
CA LYS A 69 -21.59 -9.89 4.06
C LYS A 69 -20.30 -9.83 3.26
N GLN A 70 -19.19 -9.47 3.91
CA GLN A 70 -17.87 -9.42 3.25
C GLN A 70 -17.05 -10.59 3.77
N VAL A 71 -16.92 -10.71 5.09
CA VAL A 71 -16.04 -11.77 5.67
C VAL A 71 -16.74 -13.12 5.45
N ARG A 72 -18.08 -13.10 5.45
CA ARG A 72 -18.98 -14.25 5.10
C ARG A 72 -18.64 -15.42 6.03
N SER A 73 -17.93 -16.47 5.57
CA SER A 73 -17.65 -17.68 6.38
C SER A 73 -16.41 -17.50 7.25
N GLY A 74 -15.60 -16.47 7.00
CA GLY A 74 -14.25 -16.30 7.57
C GLY A 74 -14.26 -15.64 8.94
N ALA A 75 -13.11 -15.63 9.59
CA ALA A 75 -12.89 -15.02 10.92
C ALA A 75 -12.95 -13.51 10.76
N TRP A 76 -13.37 -12.83 11.82
CA TRP A 76 -13.42 -11.34 11.85
C TRP A 76 -12.02 -10.85 12.25
N HIS A 77 -11.10 -11.08 11.32
CA HIS A 77 -9.67 -10.78 11.49
C HIS A 77 -9.28 -9.87 10.33
N PHE A 78 -8.68 -8.74 10.67
CA PHE A 78 -8.40 -7.68 9.68
C PHE A 78 -6.99 -7.17 9.82
N SER A 79 -6.53 -6.45 8.82
CA SER A 79 -5.31 -5.63 8.90
C SER A 79 -5.64 -4.17 8.62
N PHE A 80 -4.95 -3.27 9.28
CA PHE A 80 -5.00 -1.84 9.01
C PHE A 80 -3.89 -1.46 8.03
N ASN A 81 -4.26 -0.82 6.92
CA ASN A 81 -3.33 -0.59 5.80
C ASN A 81 -3.54 0.77 5.15
N VAL A 82 -2.51 1.24 4.50
CA VAL A 82 -2.67 2.38 3.56
C VAL A 82 -3.41 1.85 2.33
N LYS A 83 -4.46 2.56 1.93
CA LYS A 83 -5.27 2.22 0.73
C LYS A 83 -4.83 3.12 -0.42
N PHE A 84 -4.76 4.43 -0.17
CA PHE A 84 -4.38 5.44 -1.20
C PHE A 84 -3.07 6.07 -0.75
N TYR A 85 -1.98 5.81 -1.46
CA TYR A 85 -0.64 6.30 -1.11
C TYR A 85 -0.58 7.76 -1.56
N PRO A 86 -0.38 8.73 -0.65
CA PRO A 86 -0.35 10.13 -1.05
C PRO A 86 0.81 10.38 -2.01
N PRO A 87 0.63 11.01 -3.19
CA PRO A 87 1.76 11.28 -4.08
C PRO A 87 2.72 12.29 -3.45
N ASP A 88 2.22 13.11 -2.55
CA ASP A 88 3.05 14.17 -1.91
C ASP A 88 2.84 14.13 -0.41
N PRO A 89 3.53 13.21 0.29
CA PRO A 89 3.31 13.06 1.74
C PRO A 89 3.63 14.32 2.57
N ALA A 90 4.48 15.22 2.07
CA ALA A 90 4.74 16.53 2.73
C ALA A 90 3.47 17.36 2.85
N GLN A 91 2.44 17.07 2.06
CA GLN A 91 1.22 17.92 2.10
C GLN A 91 0.18 17.30 3.02
N LEU A 92 0.45 16.14 3.62
CA LEU A 92 -0.45 15.67 4.69
C LEU A 92 -0.40 16.66 5.85
N SER A 93 -1.51 16.86 6.53
CA SER A 93 -1.60 17.87 7.60
C SER A 93 -0.96 17.38 8.90
N GLU A 94 -0.83 16.06 9.13
CA GLU A 94 -0.38 15.58 10.47
C GLU A 94 0.82 14.65 10.36
N ASP A 95 1.76 14.86 11.28
CA ASP A 95 2.93 14.00 11.42
C ASP A 95 2.44 12.58 11.68
N ILE A 96 1.39 12.38 12.45
CA ILE A 96 1.01 10.98 12.80
C ILE A 96 0.55 10.24 11.54
N THR A 97 0.00 10.96 10.56
CA THR A 97 -0.36 10.35 9.27
C THR A 97 0.89 9.87 8.56
N ARG A 98 1.93 10.70 8.51
CA ARG A 98 3.19 10.36 7.81
C ARG A 98 3.79 9.15 8.51
N TYR A 99 3.65 9.10 9.84
CA TYR A 99 4.20 8.01 10.66
C TYR A 99 3.57 6.68 10.22
N TYR A 100 2.25 6.61 10.16
CA TYR A 100 1.59 5.34 9.75
C TYR A 100 1.99 5.03 8.31
N LEU A 101 2.08 6.05 7.45
CA LEU A 101 2.51 5.79 6.06
C LEU A 101 3.92 5.16 6.03
N CYS A 102 4.86 5.65 6.84
CA CYS A 102 6.21 5.07 6.97
C CYS A 102 6.10 3.60 7.38
N LEU A 103 5.28 3.30 8.39
CA LEU A 103 5.17 1.90 8.87
C LEU A 103 4.70 1.02 7.71
N GLN A 104 3.68 1.45 6.98
CA GLN A 104 3.17 0.68 5.82
C GLN A 104 4.31 0.47 4.82
N LEU A 105 5.06 1.54 4.51
CA LEU A 105 6.09 1.45 3.46
C LEU A 105 7.22 0.54 3.92
N ARG A 106 7.54 0.54 5.20
CA ARG A 106 8.54 -0.40 5.76
C ARG A 106 8.12 -1.82 5.45
N ASP A 107 6.83 -2.15 5.57
CA ASP A 107 6.34 -3.53 5.29
C ASP A 107 6.35 -3.77 3.79
N ASP A 108 6.00 -2.76 3.01
CA ASP A 108 6.02 -2.79 1.53
C ASP A 108 7.44 -3.15 1.11
N ILE A 109 8.42 -2.59 1.79
CA ILE A 109 9.84 -2.84 1.41
C ILE A 109 10.26 -4.25 1.85
N VAL A 110 10.04 -4.63 3.10
CA VAL A 110 10.53 -5.91 3.66
C VAL A 110 9.85 -7.06 2.89
N SER A 111 8.60 -6.84 2.47
CA SER A 111 7.77 -7.84 1.76
C SER A 111 8.24 -8.02 0.32
N GLY A 112 9.00 -7.09 -0.22
CA GLY A 112 9.34 -7.03 -1.65
C GLY A 112 8.25 -6.50 -2.55
N ARG A 113 7.09 -6.01 -2.06
CA ARG A 113 6.11 -5.31 -2.92
C ARG A 113 6.71 -4.02 -3.50
N LEU A 114 7.65 -3.41 -2.77
CA LEU A 114 8.25 -2.12 -3.20
C LEU A 114 9.74 -2.32 -3.41
N PRO A 115 10.20 -2.67 -4.62
CA PRO A 115 11.61 -2.93 -4.81
C PRO A 115 12.41 -1.64 -4.66
N CYS A 116 13.67 -1.81 -4.28
N CYS A 116 13.59 -1.77 -4.04
CA CYS A 116 14.55 -0.75 -3.77
CA CYS A 116 14.56 -0.66 -3.81
C CYS A 116 16.02 -1.13 -4.01
C CYS A 116 15.96 -1.15 -4.17
N SER A 117 16.83 -0.22 -4.55
CA SER A 117 18.27 -0.43 -4.69
C SER A 117 18.85 -0.64 -3.30
N PHE A 118 20.02 -1.25 -3.25
CA PHE A 118 20.81 -1.36 -2.02
C PHE A 118 20.93 -0.01 -1.31
N VAL A 119 21.35 1.04 -2.02
CA VAL A 119 21.59 2.33 -1.34
C VAL A 119 20.28 2.93 -0.80
N THR A 120 19.18 2.82 -1.53
CA THR A 120 17.88 3.31 -1.03
C THR A 120 17.43 2.47 0.17
N LEU A 121 17.66 1.16 0.14
CA LEU A 121 17.29 0.34 1.32
C LEU A 121 18.04 0.88 2.55
N ALA A 122 19.35 1.12 2.39
CA ALA A 122 20.20 1.59 3.50
C ALA A 122 19.77 2.99 3.95
N LEU A 123 19.46 3.90 3.02
CA LEU A 123 19.06 5.28 3.36
C LEU A 123 17.71 5.28 4.09
N LEU A 124 16.69 4.60 3.57
CA LEU A 124 15.39 4.44 4.25
C LEU A 124 15.61 3.82 5.63
N GLY A 125 16.38 2.74 5.70
CA GLY A 125 16.68 2.10 6.98
C GLY A 125 17.31 3.09 7.96
N SER A 126 18.25 3.92 7.50
CA SER A 126 18.94 4.91 8.38
C SER A 126 17.93 5.92 8.94
N TYR A 127 16.95 6.33 8.14
CA TYR A 127 15.94 7.29 8.61
C TYR A 127 15.00 6.60 9.62
N THR A 128 14.67 5.35 9.39
CA THR A 128 13.86 4.57 10.36
C THR A 128 14.60 4.50 11.70
N VAL A 129 15.89 4.15 11.66
CA VAL A 129 16.67 4.02 12.91
C VAL A 129 16.71 5.38 13.60
N GLN A 130 16.94 6.46 12.84
CA GLN A 130 17.03 7.80 13.45
C GLN A 130 15.71 8.13 14.15
N SER A 131 14.59 7.86 13.49
N SER A 131 14.58 7.79 13.52
CA SER A 131 13.22 8.07 14.02
CA SER A 131 13.20 8.08 13.99
C SER A 131 13.02 7.23 15.29
C SER A 131 12.80 7.13 15.14
N GLU A 132 13.39 5.94 15.22
CA GLU A 132 13.07 4.95 16.30
C GLU A 132 14.01 5.07 17.49
N LEU A 133 15.31 5.24 17.27
CA LEU A 133 16.33 5.22 18.35
C LEU A 133 16.96 6.59 18.55
N GLY A 134 16.74 7.57 17.67
CA GLY A 134 17.43 8.85 17.83
C GLY A 134 18.85 8.78 17.28
N ASP A 135 19.73 9.60 17.85
CA ASP A 135 21.10 9.86 17.36
C ASP A 135 21.94 8.60 17.48
N TYR A 136 22.80 8.38 16.48
CA TYR A 136 23.79 7.29 16.46
C TYR A 136 24.57 7.29 17.78
N ASP A 137 24.63 6.10 18.36
CA ASP A 137 25.34 5.76 19.61
C ASP A 137 26.28 4.58 19.34
N PRO A 138 27.61 4.79 19.36
CA PRO A 138 28.56 3.68 19.14
C PRO A 138 28.40 2.55 20.17
N ASP A 139 27.92 2.88 21.39
CA ASP A 139 27.82 1.94 22.55
C ASP A 139 26.92 0.76 22.23
N GLU A 140 25.90 0.93 21.39
CA GLU A 140 24.95 -0.16 21.03
C GLU A 140 25.45 -0.87 19.77
N CYS A 141 26.17 -0.16 18.90
CA CYS A 141 26.64 -0.67 17.59
C CYS A 141 28.14 -1.01 17.65
N GLY A 142 28.47 -2.30 17.64
CA GLY A 142 29.84 -2.77 17.34
C GLY A 142 30.02 -2.96 15.84
N SER A 143 31.23 -3.34 15.41
CA SER A 143 31.55 -3.66 13.99
C SER A 143 30.75 -4.91 13.56
N ASP A 144 30.15 -5.63 14.52
CA ASP A 144 29.35 -6.86 14.26
C ASP A 144 27.85 -6.56 14.39
N TYR A 145 27.44 -5.29 14.50
CA TYR A 145 26.03 -4.93 14.81
C TYR A 145 25.07 -5.41 13.72
N ILE A 146 23.95 -6.01 14.14
CA ILE A 146 22.74 -6.29 13.31
C ILE A 146 21.50 -5.70 14.01
N SER A 147 20.76 -4.82 13.33
CA SER A 147 19.61 -4.07 13.89
C SER A 147 18.43 -5.00 14.09
N GLU A 148 17.58 -4.68 15.06
CA GLU A 148 16.30 -5.40 15.24
C GLU A 148 15.41 -5.06 14.05
N PHE A 149 15.64 -3.91 13.39
CA PHE A 149 14.70 -3.40 12.38
C PHE A 149 14.96 -4.25 11.14
N ARG A 150 13.86 -4.70 10.57
CA ARG A 150 13.78 -5.27 9.22
C ARG A 150 13.81 -4.11 8.24
N PHE A 151 14.74 -4.15 7.33
CA PHE A 151 15.01 -3.10 6.31
C PHE A 151 14.73 -3.59 4.92
N ALA A 152 14.70 -4.90 4.64
CA ALA A 152 14.80 -5.39 3.26
C ALA A 152 14.30 -6.82 3.19
N PRO A 153 13.93 -7.26 1.99
CA PRO A 153 13.48 -8.62 1.77
C PRO A 153 14.58 -9.64 2.07
N ASN A 154 15.84 -9.25 1.89
CA ASN A 154 17.00 -10.10 2.27
C ASN A 154 18.07 -9.21 2.89
N HIS A 155 18.38 -9.49 4.13
CA HIS A 155 19.40 -8.76 4.89
C HIS A 155 20.79 -9.32 4.64
N THR A 156 21.76 -8.42 4.59
CA THR A 156 23.20 -8.72 4.47
C THR A 156 23.94 -7.88 5.49
N LYS A 157 25.13 -8.33 5.86
CA LYS A 157 26.00 -7.51 6.74
C LYS A 157 26.33 -6.18 6.06
N GLU A 158 26.57 -6.20 4.75
CA GLU A 158 26.87 -4.97 3.96
C GLU A 158 25.75 -3.95 4.15
N LEU A 159 24.49 -4.40 4.08
CA LEU A 159 23.33 -3.48 4.23
C LEU A 159 23.31 -2.94 5.67
N GLU A 160 23.51 -3.77 6.69
CA GLU A 160 23.54 -3.29 8.10
C GLU A 160 24.61 -2.21 8.29
N ASP A 161 25.80 -2.42 7.72
CA ASP A 161 26.92 -1.46 7.82
C ASP A 161 26.53 -0.13 7.17
N LYS A 162 25.86 -0.19 6.02
CA LYS A 162 25.54 1.02 5.27
C LYS A 162 24.47 1.80 6.03
N VAL A 163 23.50 1.08 6.62
CA VAL A 163 22.50 1.77 7.50
C VAL A 163 23.21 2.53 8.61
N ILE A 164 24.20 1.92 9.27
CA ILE A 164 24.91 2.59 10.38
C ILE A 164 25.68 3.79 9.84
N GLU A 165 26.39 3.60 8.73
CA GLU A 165 27.18 4.70 8.11
C GLU A 165 26.26 5.90 7.90
N LEU A 166 25.08 5.68 7.28
CA LEU A 166 24.14 6.78 6.95
C LEU A 166 23.50 7.32 8.23
N HIS A 167 23.23 6.45 9.21
CA HIS A 167 22.64 6.89 10.50
C HIS A 167 23.55 7.92 11.17
N LYS A 168 24.85 7.71 11.14
CA LYS A 168 25.81 8.66 11.74
C LYS A 168 25.58 10.08 11.19
N SER A 169 25.19 10.22 9.94
CA SER A 169 25.07 11.53 9.27
C SER A 169 23.79 12.24 9.74
N HIS A 170 22.87 11.57 10.46
CA HIS A 170 21.54 12.19 10.76
C HIS A 170 21.49 12.82 12.16
N ARG A 171 22.64 13.06 12.78
CA ARG A 171 22.66 13.48 14.21
C ARG A 171 21.81 14.75 14.36
N GLY A 172 20.94 14.79 15.38
CA GLY A 172 20.05 15.89 15.74
C GLY A 172 18.71 15.85 15.04
N MET A 173 18.50 14.90 14.12
CA MET A 173 17.25 14.77 13.35
C MET A 173 16.14 14.23 14.25
N THR A 174 14.98 14.89 14.27
CA THR A 174 13.83 14.44 15.09
C THR A 174 13.07 13.34 14.36
N PRO A 175 12.19 12.60 15.06
CA PRO A 175 11.42 11.56 14.39
C PRO A 175 10.60 12.09 13.22
N ALA A 176 9.93 13.24 13.38
CA ALA A 176 9.09 13.77 12.30
C ALA A 176 9.95 14.11 11.09
N GLU A 177 11.14 14.66 11.31
CA GLU A 177 12.09 15.05 10.23
C GLU A 177 12.57 13.79 9.50
N ALA A 178 12.97 12.75 10.25
CA ALA A 178 13.52 11.50 9.68
C ALA A 178 12.39 10.83 8.86
N GLU A 179 11.16 10.87 9.39
CA GLU A 179 9.98 10.27 8.72
C GLU A 179 9.75 11.04 7.42
N MET A 180 9.88 12.36 7.46
CA MET A 180 9.65 13.14 6.21
C MET A 180 10.73 12.79 5.17
N HIS A 181 12.00 12.69 5.56
CA HIS A 181 13.08 12.28 4.64
C HIS A 181 12.83 10.87 4.10
N PHE A 182 12.39 9.99 4.95
CA PHE A 182 12.06 8.61 4.51
C PHE A 182 11.06 8.72 3.36
N LEU A 183 9.99 9.49 3.54
CA LEU A 183 8.89 9.55 2.57
C LEU A 183 9.33 10.26 1.28
N GLU A 184 10.16 11.29 1.40
CA GLU A 184 10.69 12.05 0.24
C GLU A 184 11.45 11.09 -0.70
N ASN A 185 12.15 10.12 -0.13
CA ASN A 185 12.89 9.09 -0.89
C ASN A 185 11.93 8.01 -1.40
N ALA A 186 11.11 7.45 -0.50
CA ALA A 186 10.22 6.32 -0.87
C ALA A 186 9.26 6.70 -2.00
N LYS A 187 8.76 7.92 -2.00
CA LYS A 187 7.70 8.38 -2.93
C LYS A 187 8.24 8.33 -4.35
N LYS A 188 9.54 8.34 -4.53
CA LYS A 188 10.14 8.41 -5.88
C LYS A 188 10.29 7.03 -6.51
N LEU A 189 10.13 5.97 -5.73
CA LEU A 189 10.46 4.63 -6.22
C LEU A 189 9.41 4.27 -7.28
N SER A 190 9.79 3.51 -8.29
CA SER A 190 8.91 3.26 -9.46
C SER A 190 7.65 2.50 -8.99
N MET A 191 7.70 1.71 -7.92
CA MET A 191 6.51 0.92 -7.48
C MET A 191 5.82 1.55 -6.28
N TYR A 192 6.18 2.76 -5.90
CA TYR A 192 5.48 3.45 -4.79
C TYR A 192 3.97 3.54 -5.04
N GLY A 193 3.18 2.96 -4.15
CA GLY A 193 1.73 3.08 -4.17
C GLY A 193 1.09 2.27 -5.30
N VAL A 194 1.87 1.39 -5.94
CA VAL A 194 1.36 0.55 -7.07
C VAL A 194 0.82 -0.77 -6.52
N ASP A 195 -0.48 -0.97 -6.72
CA ASP A 195 -1.16 -2.25 -6.39
C ASP A 195 -1.12 -3.16 -7.62
N LEU A 196 -0.39 -4.28 -7.56
CA LEU A 196 -0.18 -5.17 -8.73
C LEU A 196 -1.17 -6.33 -8.74
N HIS A 197 -1.74 -6.59 -9.91
CA HIS A 197 -2.69 -7.71 -10.13
C HIS A 197 -2.13 -8.56 -11.27
N HIS A 198 -2.08 -9.89 -11.11
CA HIS A 198 -1.81 -10.86 -12.19
C HIS A 198 -2.96 -10.90 -13.21
N ALA A 199 -2.62 -10.90 -14.48
CA ALA A 199 -3.60 -10.96 -15.57
C ALA A 199 -2.91 -11.53 -16.83
N LYS A 200 -3.72 -11.88 -17.81
CA LYS A 200 -3.24 -12.23 -19.17
C LYS A 200 -3.79 -11.20 -20.13
N ASP A 201 -3.03 -10.88 -21.18
CA ASP A 201 -3.49 -9.99 -22.26
C ASP A 201 -4.43 -10.80 -23.16
N SER A 202 -4.98 -10.19 -24.19
CA SER A 202 -5.97 -10.80 -25.13
C SER A 202 -5.35 -11.94 -25.92
N GLU A 203 -4.02 -12.08 -25.92
CA GLU A 203 -3.29 -13.20 -26.57
C GLU A 203 -2.94 -14.28 -25.55
N GLY A 204 -3.25 -14.09 -24.25
CA GLY A 204 -3.01 -15.09 -23.19
C GLY A 204 -1.63 -14.98 -22.58
N VAL A 205 -0.90 -13.90 -22.85
CA VAL A 205 0.48 -13.67 -22.34
C VAL A 205 0.35 -13.03 -20.94
N GLU A 206 1.05 -13.58 -19.95
CA GLU A 206 1.01 -13.16 -18.53
C GLU A 206 1.57 -11.75 -18.43
N ILE A 207 0.76 -10.84 -17.89
CA ILE A 207 1.16 -9.43 -17.64
C ILE A 207 0.87 -9.13 -16.17
N MET A 208 1.27 -7.95 -15.73
CA MET A 208 0.85 -7.44 -14.42
C MET A 208 0.15 -6.12 -14.69
N LEU A 209 -0.97 -5.88 -14.03
CA LEU A 209 -1.66 -4.58 -14.10
C LEU A 209 -1.38 -3.84 -12.80
N GLY A 210 -0.88 -2.62 -12.90
CA GLY A 210 -0.60 -1.85 -11.67
C GLY A 210 -1.62 -0.73 -11.57
N VAL A 211 -2.16 -0.52 -10.38
CA VAL A 211 -3.13 0.57 -10.13
C VAL A 211 -2.46 1.54 -9.15
N CYS A 212 -2.50 2.83 -9.45
CA CYS A 212 -1.88 3.85 -8.57
C CYS A 212 -2.58 5.18 -8.80
N ALA A 213 -2.16 6.19 -8.07
CA ALA A 213 -2.70 7.57 -8.13
C ALA A 213 -2.71 8.17 -9.55
N SER A 214 -1.66 7.89 -10.32
CA SER A 214 -1.44 8.55 -11.64
C SER A 214 -2.24 7.83 -12.72
N GLY A 215 -2.48 6.52 -12.55
CA GLY A 215 -3.27 5.77 -13.53
C GLY A 215 -3.02 4.28 -13.48
N LEU A 216 -3.06 3.66 -14.65
CA LEU A 216 -2.92 2.21 -14.87
C LEU A 216 -1.58 1.93 -15.55
N LEU A 217 -0.91 0.87 -15.12
CA LEU A 217 0.33 0.39 -15.75
C LEU A 217 0.05 -1.03 -16.23
N ILE A 218 0.45 -1.33 -17.46
CA ILE A 218 0.46 -2.71 -18.01
C ILE A 218 1.93 -3.06 -18.14
N TYR A 219 2.41 -3.96 -17.28
CA TYR A 219 3.80 -4.50 -17.33
C TYR A 219 3.81 -5.74 -18.22
N ARG A 220 4.25 -5.58 -19.48
CA ARG A 220 4.25 -6.67 -20.51
C ARG A 220 5.56 -7.45 -20.42
N ASP A 221 6.70 -6.75 -20.36
CA ASP A 221 8.05 -7.30 -20.03
C ASP A 221 8.88 -6.16 -19.44
N ARG A 222 10.18 -6.37 -19.22
CA ARG A 222 11.09 -5.33 -18.66
C ARG A 222 11.11 -4.13 -19.60
N LEU A 223 10.99 -4.37 -20.91
CA LEU A 223 10.62 -3.36 -21.93
C LEU A 223 9.09 -3.42 -22.12
N ARG A 224 8.51 -2.45 -22.82
CA ARG A 224 7.05 -2.40 -23.09
C ARG A 224 6.30 -2.37 -21.74
N ILE A 225 6.46 -1.29 -20.99
CA ILE A 225 5.53 -0.87 -19.89
C ILE A 225 4.61 0.20 -20.46
N ASN A 226 3.33 -0.13 -20.65
CA ASN A 226 2.30 0.84 -21.12
C ASN A 226 1.72 1.52 -19.88
N ARG A 227 1.55 2.83 -19.95
CA ARG A 227 1.07 3.69 -18.85
C ARG A 227 -0.10 4.52 -19.39
N PHE A 228 -1.24 4.47 -18.71
CA PHE A 228 -2.44 5.21 -19.12
C PHE A 228 -2.77 6.11 -17.93
N ALA A 229 -2.38 7.37 -18.02
CA ALA A 229 -2.78 8.38 -17.02
C ALA A 229 -4.31 8.29 -16.92
N TRP A 230 -4.85 8.52 -15.74
CA TRP A 230 -6.30 8.46 -15.49
C TRP A 230 -7.11 9.24 -16.53
N PRO A 231 -6.68 10.44 -17.00
CA PRO A 231 -7.37 11.17 -18.07
C PRO A 231 -7.55 10.41 -19.39
N LYS A 232 -6.64 9.47 -19.69
CA LYS A 232 -6.63 8.67 -20.94
C LYS A 232 -7.60 7.48 -20.81
N VAL A 233 -7.98 7.10 -19.60
CA VAL A 233 -8.93 5.96 -19.35
C VAL A 233 -10.37 6.49 -19.40
N LEU A 234 -11.09 6.19 -20.48
CA LEU A 234 -12.52 6.59 -20.67
C LEU A 234 -13.40 5.88 -19.66
N LYS A 235 -13.26 4.55 -19.60
CA LYS A 235 -14.25 3.62 -19.01
C LYS A 235 -13.55 2.32 -18.67
N ILE A 236 -13.96 1.68 -17.58
CA ILE A 236 -13.50 0.33 -17.17
C ILE A 236 -14.72 -0.52 -16.83
N SER A 237 -14.59 -1.84 -16.94
CA SER A 237 -15.70 -2.78 -16.62
C SER A 237 -15.15 -4.20 -16.53
N TYR A 238 -15.88 -5.07 -15.85
CA TYR A 238 -15.55 -6.51 -15.76
C TYR A 238 -16.79 -7.31 -16.16
N LYS A 239 -16.55 -8.45 -16.81
CA LYS A 239 -17.60 -9.38 -17.24
C LYS A 239 -16.98 -10.76 -17.11
N ARG A 240 -17.57 -11.65 -16.31
CA ARG A 240 -17.03 -13.02 -16.06
C ARG A 240 -15.61 -12.84 -15.54
N ASN A 241 -14.59 -13.39 -16.22
CA ASN A 241 -13.19 -13.34 -15.74
C ASN A 241 -12.45 -12.19 -16.39
N ASN A 242 -13.17 -11.34 -17.12
CA ASN A 242 -12.52 -10.33 -18.01
C ASN A 242 -12.65 -8.93 -17.42
N PHE A 243 -11.59 -8.16 -17.61
CA PHE A 243 -11.49 -6.76 -17.18
C PHE A 243 -11.12 -5.98 -18.44
N TYR A 244 -11.87 -4.92 -18.71
CA TYR A 244 -11.73 -4.10 -19.93
C TYR A 244 -11.53 -2.65 -19.49
N ILE A 245 -10.56 -2.05 -20.18
CA ILE A 245 -10.22 -0.60 -20.13
C ILE A 245 -10.44 -0.04 -21.53
N LYS A 246 -11.21 1.03 -21.60
CA LYS A 246 -11.39 1.85 -22.83
C LYS A 246 -10.46 3.06 -22.69
N ILE A 247 -9.69 3.33 -23.75
CA ILE A 247 -8.65 4.41 -23.77
C ILE A 247 -9.08 5.45 -24.81
N ARG A 248 -9.08 6.73 -24.42
CA ARG A 248 -9.42 7.86 -25.32
C ARG A 248 -8.61 7.71 -26.61
N PRO A 249 -9.16 8.13 -27.77
CA PRO A 249 -8.37 8.20 -28.99
C PRO A 249 -7.38 9.37 -28.92
N GLY A 250 -6.25 9.28 -29.63
CA GLY A 250 -5.40 10.45 -29.94
C GLY A 250 -6.23 11.54 -30.59
N GLU A 251 -5.84 12.81 -30.45
CA GLU A 251 -6.55 13.98 -31.05
C GLU A 251 -6.78 13.71 -32.54
N PHE A 252 -8.00 13.97 -33.02
CA PHE A 252 -8.45 13.81 -34.43
C PHE A 252 -8.47 12.33 -34.81
N GLU A 253 -8.53 11.43 -33.82
CA GLU A 253 -8.84 9.99 -34.03
C GLU A 253 -10.30 9.76 -33.63
N GLN A 254 -11.00 8.94 -34.41
CA GLN A 254 -12.37 8.44 -34.13
C GLN A 254 -12.23 7.20 -33.23
N PHE A 255 -13.11 7.05 -32.24
CA PHE A 255 -13.30 5.79 -31.47
C PHE A 255 -12.11 5.49 -30.56
N GLU A 256 -12.37 5.52 -29.26
CA GLU A 256 -11.55 4.88 -28.20
C GLU A 256 -11.13 3.46 -28.61
N SER A 257 -10.04 2.97 -28.00
CA SER A 257 -9.54 1.58 -28.13
C SER A 257 -10.01 0.82 -26.87
N THR A 258 -10.28 -0.46 -27.00
CA THR A 258 -10.55 -1.34 -25.85
C THR A 258 -9.36 -2.28 -25.67
N ILE A 259 -8.89 -2.37 -24.44
CA ILE A 259 -7.87 -3.36 -24.05
C ILE A 259 -8.58 -4.28 -23.06
N GLY A 260 -8.51 -5.56 -23.37
CA GLY A 260 -9.09 -6.64 -22.57
C GLY A 260 -8.00 -7.43 -21.88
N PHE A 261 -8.34 -7.92 -20.68
CA PHE A 261 -7.45 -8.72 -19.84
C PHE A 261 -8.26 -9.88 -19.26
N LYS A 262 -7.59 -11.00 -19.11
CA LYS A 262 -8.16 -12.20 -18.47
C LYS A 262 -7.60 -12.27 -17.06
N LEU A 263 -8.48 -12.28 -16.07
CA LEU A 263 -8.11 -12.46 -14.65
C LEU A 263 -8.34 -13.93 -14.32
N PRO A 264 -7.72 -14.38 -13.22
CA PRO A 264 -7.78 -15.78 -12.79
C PRO A 264 -9.22 -16.30 -12.59
N ASN A 265 -10.11 -15.44 -12.12
CA ASN A 265 -11.50 -15.83 -11.81
C ASN A 265 -12.32 -14.55 -11.67
N HIS A 266 -13.61 -14.71 -11.56
CA HIS A 266 -14.57 -13.59 -11.53
C HIS A 266 -14.26 -12.66 -10.37
N ARG A 267 -13.98 -13.22 -9.18
CA ARG A 267 -13.73 -12.38 -7.98
C ARG A 267 -12.50 -11.50 -8.22
N ALA A 268 -11.43 -12.06 -8.80
CA ALA A 268 -10.20 -11.31 -9.10
C ALA A 268 -10.51 -10.17 -10.09
N ALA A 269 -11.42 -10.37 -11.05
CA ALA A 269 -11.77 -9.31 -12.02
C ALA A 269 -12.53 -8.21 -11.28
N LYS A 270 -13.44 -8.58 -10.37
CA LYS A 270 -14.28 -7.60 -9.64
C LYS A 270 -13.39 -6.78 -8.71
N ARG A 271 -12.44 -7.43 -8.05
CA ARG A 271 -11.49 -6.81 -7.09
C ARG A 271 -10.70 -5.72 -7.84
N LEU A 272 -10.14 -6.10 -8.99
CA LEU A 272 -9.34 -5.16 -9.80
C LEU A 272 -10.21 -3.98 -10.21
N TRP A 273 -11.42 -4.24 -10.72
CA TRP A 273 -12.38 -3.19 -11.14
C TRP A 273 -12.61 -2.25 -9.97
N LYS A 274 -12.81 -2.80 -8.77
CA LYS A 274 -13.22 -1.92 -7.64
C LYS A 274 -12.05 -1.02 -7.24
N VAL A 275 -10.85 -1.58 -7.15
CA VAL A 275 -9.64 -0.79 -6.77
C VAL A 275 -9.40 0.26 -7.84
N CYS A 276 -9.66 -0.03 -9.12
CA CYS A 276 -9.45 0.98 -10.18
C CYS A 276 -10.47 2.12 -9.99
N VAL A 277 -11.75 1.78 -9.84
CA VAL A 277 -12.79 2.81 -9.61
C VAL A 277 -12.35 3.70 -8.44
N GLU A 278 -11.96 3.08 -7.33
CA GLU A 278 -11.65 3.81 -6.07
C GLU A 278 -10.44 4.73 -6.29
N HIS A 279 -9.41 4.24 -6.99
CA HIS A 279 -8.20 5.04 -7.28
C HIS A 279 -8.53 6.16 -8.28
N HIS A 280 -9.37 5.87 -9.26
CA HIS A 280 -9.80 6.93 -10.23
C HIS A 280 -10.54 8.06 -9.49
N THR A 281 -11.42 7.78 -8.54
CA THR A 281 -12.10 8.85 -7.80
C THR A 281 -11.03 9.64 -7.03
N PHE A 282 -10.09 8.95 -6.37
CA PHE A 282 -8.96 9.58 -5.66
C PHE A 282 -8.30 10.59 -6.60
N PHE A 283 -7.95 10.17 -7.82
CA PHE A 283 -7.32 11.02 -8.86
C PHE A 283 -8.20 12.25 -9.14
N ARG A 284 -9.50 12.05 -9.33
CA ARG A 284 -10.47 13.13 -9.65
C ARG A 284 -10.47 14.22 -8.57
N LEU A 285 -10.13 13.88 -7.32
CA LEU A 285 -10.12 14.84 -6.18
C LEU A 285 -8.78 15.59 -6.10
N LEU A 286 -7.72 15.07 -6.74
CA LEU A 286 -6.35 15.64 -6.66
C LEU A 286 -6.30 16.96 -7.46
#